data_3B2G
#
_entry.id   3B2G
#
_cell.length_a   108.141
_cell.length_b   34.158
_cell.length_c   48.604
_cell.angle_alpha   90.00
_cell.angle_beta   107.30
_cell.angle_gamma   90.00
#
_symmetry.space_group_name_H-M   'C 1 2 1'
#
loop_
_entity.id
_entity.type
_entity.pdbx_description
1 polymer Ferredoxin-1
2 non-polymer 'FE2/S2 (INORGANIC) CLUSTER'
3 water water
#
_entity_poly.entity_id   1
_entity_poly.type   'polypeptide(L)'
_entity_poly.pdbx_seq_one_letter_code
;PSFKVTLINETEGLNTTIEVPDDEYILDAAEEQGIDLPYSCRAGACSTCAGKITAGTVDQSDQSFLDDDQIQAGYVLTCV
AYPTSDCTILTHQEEDLY
;
_entity_poly.pdbx_strand_id   A,B
#
loop_
_chem_comp.id
_chem_comp.type
_chem_comp.name
_chem_comp.formula
FES non-polymer 'FE2/S2 (INORGANIC) CLUSTER' 'Fe2 S2'
#
# COMPACT_ATOMS: atom_id res chain seq x y z
N PRO A 1 -20.28 -3.08 -17.46
CA PRO A 1 -20.43 -1.69 -17.06
C PRO A 1 -19.34 -1.24 -16.09
N SER A 2 -18.87 -0.01 -16.29
CA SER A 2 -17.86 0.59 -15.44
C SER A 2 -18.36 1.93 -14.88
N PHE A 3 -17.74 2.36 -13.78
CA PHE A 3 -18.04 3.67 -13.18
C PHE A 3 -16.80 4.53 -13.11
N LYS A 4 -17.01 5.84 -13.19
CA LYS A 4 -15.94 6.80 -13.05
C LYS A 4 -15.69 7.05 -11.57
N VAL A 5 -14.52 6.65 -11.11
CA VAL A 5 -14.14 6.78 -9.70
C VAL A 5 -13.06 7.84 -9.62
N THR A 6 -13.36 8.93 -8.91
CA THR A 6 -12.38 10.02 -8.72
C THR A 6 -11.65 9.75 -7.42
N LEU A 7 -10.33 9.60 -7.51
CA LEU A 7 -9.53 9.32 -6.32
C LEU A 7 -8.70 10.55 -6.00
N ILE A 8 -8.70 10.93 -4.72
CA ILE A 8 -8.13 12.21 -4.31
C ILE A 8 -7.21 12.10 -3.09
N ASN A 9 -5.95 12.48 -3.28
CA ASN A 9 -5.05 12.71 -2.17
C ASN A 9 -4.00 13.72 -2.60
N GLU A 10 -4.18 14.97 -2.23
CA GLU A 10 -3.34 16.00 -2.82
C GLU A 10 -1.91 16.01 -2.24
N THR A 11 -1.68 15.42 -1.07
CA THR A 11 -0.29 15.32 -0.60
C THR A 11 0.51 14.37 -1.51
N GLU A 12 -0.21 13.40 -2.10
CA GLU A 12 0.34 12.51 -3.12
C GLU A 12 0.36 13.17 -4.51
N GLY A 13 -0.26 14.34 -4.64
CA GLY A 13 -0.52 14.93 -5.94
C GLY A 13 -1.59 14.19 -6.74
N LEU A 14 -2.46 13.48 -6.04
CA LEU A 14 -3.48 12.59 -6.65
C LEU A 14 -4.87 13.25 -6.77
N ASN A 15 -5.34 13.36 -8.00
CA ASN A 15 -6.69 13.87 -8.27
C ASN A 15 -7.08 13.38 -9.65
N THR A 16 -7.51 12.13 -9.71
CA THR A 16 -7.60 11.43 -10.98
C THR A 16 -8.87 10.63 -11.02
N THR A 17 -9.56 10.69 -12.17
CA THR A 17 -10.76 9.89 -12.38
C THR A 17 -10.43 8.70 -13.27
N ILE A 18 -10.76 7.51 -12.78
CA ILE A 18 -10.50 6.27 -13.53
C ILE A 18 -11.79 5.48 -13.78
N GLU A 19 -11.83 4.71 -14.86
CA GLU A 19 -12.95 3.79 -15.13
C GLU A 19 -12.74 2.47 -14.42
N VAL A 20 -13.69 2.13 -13.55
CA VAL A 20 -13.61 0.92 -12.75
C VAL A 20 -14.76 -0.01 -13.07
N PRO A 21 -14.48 -1.22 -13.57
CA PRO A 21 -15.57 -2.18 -13.73
C PRO A 21 -16.42 -2.38 -12.46
N ASP A 22 -17.71 -2.62 -12.64
CA ASP A 22 -18.62 -2.76 -11.52
C ASP A 22 -18.38 -4.04 -10.70
N ASP A 23 -17.58 -4.95 -11.25
CA ASP A 23 -17.16 -6.17 -10.53
C ASP A 23 -15.67 -6.17 -10.12
N GLU A 24 -15.06 -5.00 -10.07
CA GLU A 24 -13.68 -4.92 -9.56
C GLU A 24 -13.59 -4.02 -8.35
N TYR A 25 -12.82 -4.44 -7.34
CA TYR A 25 -12.57 -3.58 -6.17
C TYR A 25 -11.80 -2.35 -6.58
N ILE A 26 -12.11 -1.23 -5.94
CA ILE A 26 -11.48 0.06 -6.26
C ILE A 26 -9.94 0.04 -6.12
N LEU A 27 -9.43 -0.56 -5.06
CA LEU A 27 -7.97 -0.63 -4.85
C LEU A 27 -7.28 -1.33 -6.05
N ASP A 28 -7.80 -2.50 -6.45
CA ASP A 28 -7.23 -3.26 -7.57
C ASP A 28 -7.24 -2.47 -8.88
N ALA A 29 -8.37 -1.87 -9.19
CA ALA A 29 -8.53 -1.13 -10.44
C ALA A 29 -7.60 0.07 -10.47
N ALA A 30 -7.53 0.80 -9.35
CA ALA A 30 -6.58 1.91 -9.19
C ALA A 30 -5.13 1.47 -9.45
N GLU A 31 -4.72 0.39 -8.79
CA GLU A 31 -3.37 -0.12 -8.98
C GLU A 31 -3.12 -0.50 -10.43
N GLU A 32 -4.07 -1.16 -11.07
CA GLU A 32 -3.90 -1.56 -12.46
C GLU A 32 -3.62 -0.38 -13.38
N GLN A 33 -4.23 0.77 -13.08
CA GLN A 33 -4.04 1.98 -13.88
C GLN A 33 -2.91 2.87 -13.33
N GLY A 34 -2.06 2.27 -12.50
CA GLY A 34 -0.80 2.89 -12.08
C GLY A 34 -0.88 3.84 -10.90
N ILE A 35 -1.95 3.75 -10.13
CA ILE A 35 -2.10 4.60 -8.97
C ILE A 35 -1.64 3.85 -7.72
N ASP A 36 -0.95 4.55 -6.82
CA ASP A 36 -0.54 3.94 -5.58
C ASP A 36 -1.46 4.39 -4.46
N LEU A 37 -2.10 3.40 -3.84
CA LEU A 37 -2.95 3.61 -2.67
C LEU A 37 -2.46 2.76 -1.48
N PRO A 38 -2.64 3.27 -0.25
CA PRO A 38 -2.16 2.55 0.92
C PRO A 38 -2.98 1.30 1.19
N TYR A 39 -2.32 0.26 1.66
CA TYR A 39 -3.01 -0.98 2.00
C TYR A 39 -2.11 -1.84 2.86
N SER A 40 -2.76 -2.80 3.52
CA SER A 40 -2.03 -3.82 4.30
C SER A 40 -2.67 -5.20 4.10
N CYS A 41 -3.84 -5.44 4.70
CA CYS A 41 -4.40 -6.82 4.75
C CYS A 41 -5.09 -7.24 3.46
N ARG A 42 -5.62 -6.23 2.75
CA ARG A 42 -6.43 -6.39 1.54
C ARG A 42 -7.67 -7.29 1.74
N ALA A 43 -8.13 -7.40 2.97
CA ALA A 43 -9.20 -8.36 3.36
C ALA A 43 -10.43 -7.69 3.99
N GLY A 44 -10.42 -6.36 4.07
CA GLY A 44 -11.51 -5.58 4.66
C GLY A 44 -11.56 -5.66 6.19
N ALA A 45 -10.44 -6.07 6.79
CA ALA A 45 -10.39 -6.30 8.24
C ALA A 45 -9.56 -5.28 9.02
N CYS A 46 -9.12 -4.21 8.36
CA CYS A 46 -8.34 -3.18 9.05
C CYS A 46 -8.76 -1.81 8.51
N SER A 47 -7.99 -0.76 8.77
CA SER A 47 -8.35 0.56 8.26
C SER A 47 -7.25 1.17 7.39
N THR A 48 -6.25 0.38 7.02
CA THR A 48 -5.09 0.91 6.26
C THR A 48 -5.47 1.58 4.93
N CYS A 49 -6.42 0.99 4.22
CA CYS A 49 -6.89 1.46 2.92
C CYS A 49 -8.11 2.36 3.08
N ALA A 50 -8.38 2.84 4.31
CA ALA A 50 -9.60 3.65 4.49
C ALA A 50 -9.60 4.92 3.62
N GLY A 51 -10.75 5.17 2.99
CA GLY A 51 -11.00 6.46 2.35
C GLY A 51 -12.33 7.03 2.80
N LYS A 52 -12.70 8.15 2.23
CA LYS A 52 -13.96 8.78 2.56
C LYS A 52 -14.64 9.20 1.29
N ILE A 53 -15.90 8.79 1.18
CA ILE A 53 -16.72 9.05 0.01
C ILE A 53 -17.33 10.46 0.14
N THR A 54 -17.08 11.32 -0.84
CA THR A 54 -17.73 12.64 -0.89
C THR A 54 -18.80 12.76 -1.99
N ALA A 55 -18.86 11.78 -2.90
CA ALA A 55 -19.90 11.73 -3.92
C ALA A 55 -20.07 10.29 -4.34
N GLY A 56 -21.29 9.89 -4.66
CA GLY A 56 -21.57 8.57 -5.22
C GLY A 56 -21.64 7.51 -4.14
N THR A 57 -21.67 6.25 -4.59
CA THR A 57 -21.91 5.12 -3.71
C THR A 57 -21.03 3.92 -4.07
N VAL A 58 -20.82 3.04 -3.09
CA VAL A 58 -20.06 1.82 -3.27
C VAL A 58 -20.85 0.67 -2.67
N ASP A 59 -20.48 -0.54 -3.09
CA ASP A 59 -20.82 -1.77 -2.39
C ASP A 59 -19.57 -2.26 -1.65
N GLN A 60 -19.57 -2.11 -0.33
CA GLN A 60 -18.48 -2.62 0.50
C GLN A 60 -18.93 -3.70 1.49
N SER A 61 -19.90 -4.51 1.08
CA SER A 61 -20.56 -5.46 1.99
C SER A 61 -19.53 -6.47 2.51
N ASP A 62 -18.42 -6.60 1.79
CA ASP A 62 -17.36 -7.50 2.20
C ASP A 62 -16.48 -6.98 3.34
N GLN A 63 -16.61 -5.70 3.68
CA GLN A 63 -15.81 -5.10 4.74
C GLN A 63 -16.32 -5.55 6.13
N SER A 64 -15.41 -5.59 7.10
CA SER A 64 -15.70 -6.05 8.46
C SER A 64 -14.92 -5.28 9.53
N PHE A 65 -14.43 -4.09 9.19
CA PHE A 65 -13.74 -3.26 10.18
C PHE A 65 -14.53 -2.03 10.60
N LEU A 66 -15.13 -1.35 9.63
CA LEU A 66 -15.85 -0.10 9.89
C LEU A 66 -17.19 -0.37 10.57
N ASP A 67 -17.49 0.41 11.59
CA ASP A 67 -18.77 0.29 12.27
C ASP A 67 -19.85 1.14 11.56
N ASP A 68 -21.09 1.07 12.04
CA ASP A 68 -22.22 1.73 11.35
C ASP A 68 -22.08 3.25 11.30
N ASP A 69 -21.55 3.83 12.39
CA ASP A 69 -21.33 5.28 12.47
C ASP A 69 -20.35 5.68 11.39
N GLN A 70 -19.29 4.88 11.25
CA GLN A 70 -18.25 5.18 10.29
C GLN A 70 -18.77 5.02 8.85
N ILE A 71 -19.52 3.96 8.57
CA ILE A 71 -20.17 3.83 7.25
C ILE A 71 -21.12 5.01 6.95
N GLN A 72 -21.91 5.40 7.94
CA GLN A 72 -22.85 6.52 7.79
C GLN A 72 -22.10 7.83 7.48
N ALA A 73 -20.91 7.97 8.06
CA ALA A 73 -20.09 9.17 7.90
C ALA A 73 -19.32 9.20 6.58
N GLY A 74 -19.45 8.12 5.82
CA GLY A 74 -18.90 8.06 4.47
C GLY A 74 -17.66 7.23 4.31
N TYR A 75 -17.16 6.62 5.40
CA TYR A 75 -15.90 5.91 5.26
C TYR A 75 -16.02 4.62 4.44
N VAL A 76 -14.94 4.25 3.78
CA VAL A 76 -14.93 3.07 2.91
C VAL A 76 -13.59 2.34 2.98
N LEU A 77 -13.65 1.01 2.94
CA LEU A 77 -12.41 0.22 2.82
C LEU A 77 -12.20 -0.07 1.33
N THR A 78 -11.30 0.68 0.73
CA THR A 78 -11.09 0.65 -0.71
C THR A 78 -10.64 -0.73 -1.23
N CYS A 79 -10.03 -1.55 -0.38
CA CYS A 79 -9.59 -2.87 -0.83
C CYS A 79 -10.72 -3.85 -1.11
N VAL A 80 -11.90 -3.56 -0.57
CA VAL A 80 -13.07 -4.44 -0.71
C VAL A 80 -14.34 -3.70 -1.20
N ALA A 81 -14.14 -2.59 -1.89
CA ALA A 81 -15.25 -1.73 -2.32
C ALA A 81 -15.45 -1.75 -3.83
N TYR A 82 -16.66 -2.15 -4.25
CA TYR A 82 -17.04 -2.00 -5.65
C TYR A 82 -17.74 -0.67 -5.81
N PRO A 83 -17.46 0.06 -6.91
CA PRO A 83 -18.29 1.24 -7.13
C PRO A 83 -19.70 0.83 -7.57
N THR A 84 -20.71 1.55 -7.08
CA THR A 84 -22.08 1.31 -7.57
C THR A 84 -22.69 2.50 -8.27
N SER A 85 -21.94 3.59 -8.32
CA SER A 85 -22.24 4.73 -9.18
C SER A 85 -20.93 5.47 -9.41
N ASP A 86 -20.92 6.47 -10.29
CA ASP A 86 -19.74 7.35 -10.37
C ASP A 86 -19.52 7.93 -8.96
N CYS A 87 -18.29 7.94 -8.48
CA CYS A 87 -18.04 8.31 -7.11
C CYS A 87 -16.73 9.03 -6.91
N THR A 88 -16.64 9.75 -5.78
CA THR A 88 -15.43 10.46 -5.40
C THR A 88 -14.97 9.96 -4.04
N ILE A 89 -13.69 9.57 -3.97
CA ILE A 89 -13.15 9.02 -2.72
C ILE A 89 -11.84 9.69 -2.33
N LEU A 90 -11.82 10.28 -1.13
CA LEU A 90 -10.60 10.81 -0.52
C LEU A 90 -9.84 9.63 0.04
N THR A 91 -8.61 9.45 -0.43
CA THR A 91 -7.81 8.32 -0.01
C THR A 91 -6.89 8.66 1.18
N HIS A 92 -6.33 7.62 1.79
CA HIS A 92 -5.50 7.72 3.00
C HIS A 92 -6.19 8.50 4.14
N GLN A 93 -7.42 8.09 4.43
CA GLN A 93 -8.24 8.69 5.50
C GLN A 93 -8.15 7.95 6.85
N GLU A 94 -7.21 7.02 6.98
CA GLU A 94 -7.13 6.25 8.22
C GLU A 94 -7.01 7.15 9.45
N GLU A 95 -6.14 8.16 9.42
CA GLU A 95 -5.95 9.00 10.62
C GLU A 95 -7.25 9.71 11.04
N ASP A 96 -8.14 9.95 10.08
CA ASP A 96 -9.43 10.62 10.36
C ASP A 96 -10.39 9.77 11.20
N LEU A 97 -10.11 8.48 11.28
CA LEU A 97 -10.93 7.56 12.04
C LEU A 97 -10.52 7.49 13.50
N TYR A 98 -9.39 8.11 13.85
CA TYR A 98 -8.75 7.89 15.15
C TYR A 98 -9.73 8.00 16.32
N PRO B 1 25.56 2.57 -10.14
CA PRO B 1 24.67 3.23 -9.20
C PRO B 1 23.26 2.66 -9.07
N SER B 2 23.02 1.44 -9.57
CA SER B 2 21.80 0.67 -9.20
C SER B 2 22.15 -0.76 -8.73
N PHE B 3 21.24 -1.34 -7.95
CA PHE B 3 21.34 -2.71 -7.48
C PHE B 3 20.10 -3.52 -7.87
N LYS B 4 20.30 -4.83 -8.04
CA LYS B 4 19.25 -5.76 -8.34
C LYS B 4 18.55 -6.13 -7.06
N VAL B 5 17.29 -5.71 -6.94
CA VAL B 5 16.49 -6.03 -5.75
C VAL B 5 15.40 -7.05 -6.12
N THR B 6 15.46 -8.20 -5.48
CA THR B 6 14.49 -9.29 -5.71
C THR B 6 13.37 -9.17 -4.68
N LEU B 7 12.14 -9.07 -5.16
CA LEU B 7 10.98 -8.87 -4.29
C LEU B 7 10.09 -10.12 -4.40
N ILE B 8 9.78 -10.72 -3.26
CA ILE B 8 9.02 -11.97 -3.21
C ILE B 8 7.84 -11.89 -2.23
N ASN B 9 6.66 -12.20 -2.75
CA ASN B 9 5.49 -12.39 -1.90
C ASN B 9 4.55 -13.35 -2.56
N GLU B 10 4.36 -14.49 -1.92
CA GLU B 10 3.58 -15.58 -2.47
C GLU B 10 2.11 -15.21 -2.71
N THR B 11 1.47 -14.65 -1.68
CA THR B 11 0.04 -14.34 -1.75
C THR B 11 -0.27 -13.34 -2.88
N GLU B 12 0.61 -12.38 -3.11
CA GLU B 12 0.38 -11.41 -4.19
C GLU B 12 0.90 -11.90 -5.54
N GLY B 13 1.57 -13.05 -5.57
CA GLY B 13 2.08 -13.62 -6.80
C GLY B 13 3.28 -12.83 -7.32
N LEU B 14 4.02 -12.24 -6.39
CA LEU B 14 5.17 -11.42 -6.71
C LEU B 14 6.48 -12.19 -6.60
N ASN B 15 7.23 -12.18 -7.70
CA ASN B 15 8.54 -12.82 -7.71
C ASN B 15 9.36 -12.24 -8.84
N THR B 16 10.05 -11.14 -8.54
CA THR B 16 10.64 -10.33 -9.58
C THR B 16 11.92 -9.69 -9.10
N THR B 17 12.83 -9.43 -10.04
CA THR B 17 14.04 -8.67 -9.75
C THR B 17 14.02 -7.38 -10.57
N ILE B 18 14.19 -6.26 -9.85
CA ILE B 18 14.19 -4.96 -10.49
C ILE B 18 15.47 -4.19 -10.16
N GLU B 19 15.85 -3.30 -11.06
CA GLU B 19 17.02 -2.41 -10.81
C GLU B 19 16.54 -1.22 -9.97
N VAL B 20 17.18 -1.03 -8.83
CA VAL B 20 16.84 0.08 -7.92
C VAL B 20 18.05 1.00 -7.80
N PRO B 21 17.88 2.30 -8.12
CA PRO B 21 18.97 3.25 -7.89
C PRO B 21 19.46 3.27 -6.43
N ASP B 22 20.76 3.44 -6.23
CA ASP B 22 21.32 3.51 -4.86
C ASP B 22 20.80 4.69 -4.04
N ASP B 23 20.15 5.65 -4.71
CA ASP B 23 19.59 6.82 -4.04
C ASP B 23 18.06 6.91 -4.14
N GLU B 24 17.41 5.78 -4.42
CA GLU B 24 15.96 5.71 -4.43
C GLU B 24 15.50 4.64 -3.41
N TYR B 25 14.47 4.97 -2.63
CA TYR B 25 13.85 3.97 -1.74
C TYR B 25 13.23 2.84 -2.53
N ILE B 26 13.39 1.62 -2.00
CA ILE B 26 12.89 0.41 -2.65
C ILE B 26 11.39 0.49 -2.94
N LEU B 27 10.61 1.02 -1.99
CA LEU B 27 9.16 1.18 -2.23
C LEU B 27 8.86 2.03 -3.48
N ASP B 28 9.52 3.18 -3.56
CA ASP B 28 9.32 4.08 -4.69
C ASP B 28 9.78 3.48 -6.01
N ALA B 29 10.94 2.83 -6.00
CA ALA B 29 11.43 2.19 -7.22
C ALA B 29 10.50 1.08 -7.69
N ALA B 30 9.99 0.29 -6.73
CA ALA B 30 9.03 -0.77 -7.06
C ALA B 30 7.75 -0.21 -7.70
N GLU B 31 7.20 0.83 -7.06
CA GLU B 31 5.99 1.47 -7.55
C GLU B 31 6.17 2.07 -8.94
N GLU B 32 7.32 2.69 -9.18
CA GLU B 32 7.60 3.28 -10.46
C GLU B 32 7.71 2.22 -11.57
N GLN B 33 8.05 0.99 -11.17
CA GLN B 33 8.11 -0.14 -12.09
C GLN B 33 6.88 -1.03 -12.03
N GLY B 34 5.78 -0.44 -11.57
CA GLY B 34 4.44 -1.08 -11.63
C GLY B 34 4.23 -2.24 -10.68
N ILE B 35 4.96 -2.24 -9.57
CA ILE B 35 4.82 -3.26 -8.54
C ILE B 35 4.11 -2.63 -7.31
N ASP B 36 3.12 -3.33 -6.77
CA ASP B 36 2.46 -2.87 -5.54
C ASP B 36 3.10 -3.54 -4.31
N LEU B 37 3.49 -2.70 -3.35
CA LEU B 37 3.96 -3.16 -2.04
C LEU B 37 3.13 -2.46 -0.98
N PRO B 38 2.87 -3.15 0.17
CA PRO B 38 2.04 -2.54 1.19
C PRO B 38 2.72 -1.34 1.84
N TYR B 39 1.90 -0.37 2.21
CA TYR B 39 2.39 0.81 2.91
C TYR B 39 1.26 1.57 3.55
N SER B 40 1.62 2.41 4.51
CA SER B 40 0.68 3.34 5.10
C SER B 40 1.35 4.71 5.29
N CYS B 41 2.27 4.81 6.25
CA CYS B 41 2.80 6.13 6.63
C CYS B 41 3.87 6.68 5.68
N ARG B 42 4.61 5.78 5.04
CA ARG B 42 5.73 6.11 4.13
C ARG B 42 6.82 6.95 4.81
N ALA B 43 6.84 6.91 6.14
CA ALA B 43 7.74 7.78 6.92
C ALA B 43 8.77 6.99 7.72
N GLY B 44 8.77 5.67 7.57
CA GLY B 44 9.65 4.80 8.36
C GLY B 44 9.26 4.68 9.83
N ALA B 45 8.00 5.01 10.12
CA ALA B 45 7.49 5.17 11.49
C ALA B 45 6.30 4.23 11.79
N CYS B 46 6.21 3.14 11.03
CA CYS B 46 5.23 2.08 11.27
C CYS B 46 5.80 0.75 10.79
N SER B 47 4.99 -0.31 10.74
CA SER B 47 5.50 -1.57 10.20
C SER B 47 4.74 -2.06 8.94
N THR B 48 3.90 -1.22 8.38
CA THR B 48 3.02 -1.67 7.30
C THR B 48 3.83 -2.18 6.13
N CYS B 49 4.83 -1.41 5.79
CA CYS B 49 5.78 -1.85 4.87
C CYS B 49 6.68 -2.32 6.01
N ALA B 50 6.78 -3.62 6.12
CA ALA B 50 7.97 -4.25 6.63
C ALA B 50 8.23 -5.43 5.70
N GLY B 51 9.50 -5.72 5.44
CA GLY B 51 9.88 -6.93 4.72
C GLY B 51 10.96 -7.62 5.52
N LYS B 52 11.43 -8.75 5.03
CA LYS B 52 12.57 -9.42 5.65
C LYS B 52 13.62 -9.70 4.59
N ILE B 53 14.86 -9.29 4.86
CA ILE B 53 15.96 -9.39 3.91
C ILE B 53 16.55 -10.79 4.05
N THR B 54 16.60 -11.53 2.93
CA THR B 54 17.20 -12.87 2.98
C THR B 54 18.57 -12.95 2.25
N ALA B 55 18.95 -11.88 1.58
CA ALA B 55 20.26 -11.78 0.96
C ALA B 55 20.58 -10.31 0.79
N GLY B 56 21.84 -9.92 1.00
CA GLY B 56 22.23 -8.53 0.73
C GLY B 56 21.90 -7.56 1.85
N THR B 57 22.05 -6.27 1.54
CA THR B 57 22.01 -5.22 2.55
C THR B 57 21.28 -3.98 2.05
N VAL B 58 20.77 -3.21 3.01
CA VAL B 58 20.12 -1.92 2.72
C VAL B 58 20.61 -0.88 3.68
N ASP B 59 20.41 0.38 3.32
CA ASP B 59 20.57 1.50 4.24
C ASP B 59 19.16 2.01 4.53
N GLN B 60 18.70 1.80 5.76
CA GLN B 60 17.37 2.25 6.20
C GLN B 60 17.52 3.07 7.49
N SER B 61 18.58 3.87 7.56
CA SER B 61 18.95 4.54 8.80
C SER B 61 17.89 5.52 9.32
N ASP B 62 17.02 5.97 8.42
CA ASP B 62 15.99 6.91 8.83
C ASP B 62 14.78 6.26 9.46
N GLN B 63 14.77 4.92 9.48
CA GLN B 63 13.64 4.17 10.06
C GLN B 63 13.60 4.37 11.58
N SER B 64 12.39 4.42 12.14
CA SER B 64 12.26 4.66 13.58
C SER B 64 11.38 3.66 14.34
N PHE B 65 10.86 2.64 13.64
CA PHE B 65 9.89 1.71 14.22
C PHE B 65 10.46 0.36 14.65
N LEU B 66 11.31 -0.24 13.81
CA LEU B 66 11.92 -1.53 14.15
C LEU B 66 12.98 -1.36 15.23
N ASP B 67 12.99 -2.28 16.20
CA ASP B 67 14.02 -2.25 17.24
C ASP B 67 15.30 -2.91 16.74
N ASP B 68 16.39 -2.81 17.51
CA ASP B 68 17.67 -3.30 17.01
C ASP B 68 17.70 -4.82 16.79
N ASP B 69 16.96 -5.56 17.60
CA ASP B 69 16.84 -7.01 17.44
C ASP B 69 16.10 -7.37 16.15
N GLN B 70 15.08 -6.59 15.81
CA GLN B 70 14.33 -6.78 14.56
C GLN B 70 15.23 -6.43 13.37
N ILE B 71 16.01 -5.37 13.49
CA ILE B 71 16.96 -5.04 12.43
C ILE B 71 17.99 -6.17 12.26
N GLN B 72 18.46 -6.71 13.38
CA GLN B 72 19.45 -7.79 13.35
C GLN B 72 18.89 -9.05 12.65
N ALA B 73 17.59 -9.29 12.87
CA ALA B 73 16.91 -10.46 12.33
C ALA B 73 16.58 -10.30 10.85
N GLY B 74 16.78 -9.11 10.32
CA GLY B 74 16.71 -8.87 8.88
C GLY B 74 15.49 -8.11 8.42
N TYR B 75 14.70 -7.59 9.36
CA TYR B 75 13.53 -6.80 8.99
C TYR B 75 13.92 -5.45 8.39
N VAL B 76 13.06 -4.97 7.48
CA VAL B 76 13.32 -3.73 6.73
C VAL B 76 12.01 -2.97 6.46
N LEU B 77 12.08 -1.67 6.66
CA LEU B 77 10.98 -0.78 6.31
C LEU B 77 11.29 -0.29 4.90
N THR B 78 10.58 -0.88 3.93
CA THR B 78 10.88 -0.64 2.54
C THR B 78 10.61 0.78 2.06
N CYS B 79 9.75 1.52 2.75
CA CYS B 79 9.49 2.91 2.36
C CYS B 79 10.69 3.86 2.59
N VAL B 80 11.67 3.46 3.42
CA VAL B 80 12.84 4.30 3.68
C VAL B 80 14.18 3.56 3.53
N ALA B 81 14.19 2.48 2.76
CA ALA B 81 15.35 1.61 2.55
C ALA B 81 15.97 1.83 1.16
N TYR B 82 17.23 2.29 1.11
CA TYR B 82 17.99 2.30 -0.15
C TYR B 82 18.75 1.01 -0.23
N PRO B 83 18.81 0.39 -1.42
CA PRO B 83 19.65 -0.82 -1.48
C PRO B 83 21.14 -0.46 -1.40
N THR B 84 21.94 -1.28 -0.73
CA THR B 84 23.38 -1.05 -0.68
C THR B 84 24.14 -2.22 -1.31
N SER B 85 23.38 -3.23 -1.75
CA SER B 85 23.92 -4.35 -2.50
C SER B 85 22.76 -4.97 -3.27
N ASP B 86 23.04 -5.84 -4.22
CA ASP B 86 21.99 -6.74 -4.68
C ASP B 86 21.38 -7.40 -3.46
N CYS B 87 20.05 -7.45 -3.41
CA CYS B 87 19.38 -7.98 -2.22
C CYS B 87 18.06 -8.64 -2.54
N THR B 88 17.64 -9.49 -1.61
CA THR B 88 16.39 -10.21 -1.75
C THR B 88 15.55 -9.93 -0.53
N ILE B 89 14.29 -9.57 -0.77
CA ILE B 89 13.38 -9.21 0.31
C ILE B 89 12.04 -9.93 0.18
N LEU B 90 11.65 -10.64 1.25
CA LEU B 90 10.29 -11.15 1.38
C LEU B 90 9.42 -9.98 1.84
N THR B 91 8.42 -9.59 1.05
CA THR B 91 7.61 -8.39 1.36
C THR B 91 6.40 -8.73 2.24
N HIS B 92 5.73 -7.71 2.76
CA HIS B 92 4.55 -7.88 3.62
C HIS B 92 4.77 -8.80 4.81
N GLN B 93 5.82 -8.53 5.57
CA GLN B 93 6.17 -9.37 6.71
C GLN B 93 5.72 -8.81 8.05
N GLU B 94 4.82 -7.81 8.02
CA GLU B 94 4.40 -7.12 9.25
C GLU B 94 3.85 -8.09 10.30
N GLU B 95 3.01 -9.03 9.87
CA GLU B 95 2.36 -9.92 10.83
C GLU B 95 3.33 -10.94 11.46
N ASP B 96 4.54 -11.00 10.92
CA ASP B 96 5.63 -11.83 11.45
C ASP B 96 6.40 -11.21 12.63
N LEU B 97 6.17 -9.92 12.88
CA LEU B 97 6.87 -9.21 13.95
C LEU B 97 6.30 -9.54 15.32
N TYR B 98 7.16 -9.51 16.33
CA TYR B 98 6.72 -9.67 17.72
C TYR B 98 7.51 -8.73 18.64
FE1 FES C . -6.97 -3.88 5.47
FE2 FES C . -8.22 -2.75 3.27
S1 FES C . -6.05 -3.03 3.59
S2 FES C . -9.10 -3.37 5.19
FE1 FES D . 5.08 3.12 7.61
FE2 FES D . 6.97 2.24 5.79
S1 FES D . 4.82 2.59 5.46
S2 FES D . 7.20 2.58 7.95
#